data_8A21
#
_entry.id   8A21
#
_cell.length_a   65.570
_cell.length_b   109.740
_cell.length_c   133.970
_cell.angle_alpha   90.000
_cell.angle_beta   90.000
_cell.angle_gamma   90.000
#
_symmetry.space_group_name_H-M   'I 2 2 2'
#
loop_
_entity.id
_entity.type
_entity.pdbx_description
1 polymer 'Phosphoserine phosphatase'
2 non-polymer 'MAGNESIUM ION'
3 non-polymer 4-PHENYL-1H-IMIDAZOLE
4 non-polymer 'CHLORIDE ION'
5 non-polymer GLYCEROL
6 water water
#
_entity_poly.entity_id   1
_entity_poly.type   'polypeptide(L)'
_entity_poly.pdbx_seq_one_letter_code
;GPGSMNSPPKVSVLITVTGVDQPGVTATLFEVLSRHGVELLNVEQVVIRHRLTLGVLVCCPADVADGPALRHDVEAAIRK
VGLDVSIERSDDVPIIREPSTHTIFVLGRPITAAAFGAVAREVAALGVNIDLIRGVSDYPVIGLELRVSVPPGADEALRT
ALNRVSSEEHVDVAVEDYTLERRAKRLIVFDVDSTLVQGEVIEMLAAKAGAEGQVAAITDAAMRGELDFAQSLQQRVATL
AGLPATVIDEVAGQLELMPGARTTLRTLRRLGYACGVVSGGFRRIIEPLAEELMLDYVAANELEIVDGTLTGRVVGPIID
RAGKATALREFAQRAGVPMAQTVAVGDGANDIDMLAAAGLGIAFNAKPALREVADASLSHPYLDTVLFLLGVTRGEIEAA
DAIDGEVRRVEIPPE
;
_entity_poly.pdbx_strand_id   A
#
loop_
_chem_comp.id
_chem_comp.type
_chem_comp.name
_chem_comp.formula
CL non-polymer 'CHLORIDE ION' 'Cl -1'
GOL non-polymer GLYCEROL 'C3 H8 O3'
MG non-polymer 'MAGNESIUM ION' 'Mg 2'
PIM non-polymer 4-PHENYL-1H-IMIDAZOLE 'C9 H8 N2'
#
# COMPACT_ATOMS: atom_id res chain seq x y z
N PRO A 9 -11.91 -8.47 -42.44
CA PRO A 9 -11.09 -9.07 -41.36
C PRO A 9 -10.28 -10.31 -41.78
N LYS A 10 -9.49 -10.24 -42.85
CA LYS A 10 -8.63 -11.37 -43.18
C LYS A 10 -7.27 -11.27 -42.46
N VAL A 11 -6.54 -10.16 -42.60
CA VAL A 11 -5.20 -10.07 -42.03
C VAL A 11 -5.11 -8.95 -41.00
N SER A 12 -4.11 -9.05 -40.14
CA SER A 12 -3.89 -8.11 -39.04
C SER A 12 -2.77 -7.14 -39.39
N VAL A 13 -3.04 -5.85 -39.20
CA VAL A 13 -2.05 -4.80 -39.46
C VAL A 13 -1.88 -3.96 -38.20
N LEU A 14 -0.64 -3.58 -37.94
CA LEU A 14 -0.26 -2.81 -36.78
C LEU A 14 0.10 -1.39 -37.22
N ILE A 15 -0.64 -0.40 -36.72
CA ILE A 15 -0.37 1.01 -36.98
C ILE A 15 0.13 1.66 -35.70
N THR A 16 1.27 2.34 -35.77
CA THR A 16 1.89 2.94 -34.61
C THR A 16 2.23 4.40 -34.92
N VAL A 17 1.64 5.31 -34.14
CA VAL A 17 1.74 6.75 -34.30
C VAL A 17 2.46 7.32 -33.07
N THR A 18 3.54 8.08 -33.30
CA THR A 18 4.34 8.65 -32.22
C THR A 18 4.71 10.08 -32.57
N GLY A 19 4.88 10.90 -31.55
CA GLY A 19 5.37 12.26 -31.73
C GLY A 19 4.80 13.16 -30.65
N VAL A 20 4.85 14.46 -30.94
CA VAL A 20 4.41 15.45 -29.96
C VAL A 20 2.89 15.53 -29.97
N ASP A 21 2.29 15.33 -28.80
CA ASP A 21 0.84 15.43 -28.65
C ASP A 21 0.27 16.64 -29.39
N GLN A 22 -0.93 16.47 -29.95
CA GLN A 22 -1.66 17.47 -30.71
C GLN A 22 -3.13 17.12 -30.62
N PRO A 23 -4.01 18.11 -30.70
CA PRO A 23 -5.43 17.79 -30.83
C PRO A 23 -5.69 17.02 -32.12
N GLY A 24 -6.55 16.01 -32.03
CA GLY A 24 -7.18 15.45 -33.20
C GLY A 24 -6.53 14.22 -33.76
N VAL A 25 -5.40 13.79 -33.23
CA VAL A 25 -4.69 12.65 -33.83
C VAL A 25 -5.52 11.39 -33.72
N THR A 26 -5.99 11.07 -32.52
CA THR A 26 -6.80 9.86 -32.33
C THR A 26 -7.98 9.85 -33.29
N ALA A 27 -8.71 10.96 -33.36
CA ALA A 27 -9.87 11.05 -34.25
C ALA A 27 -9.46 10.95 -35.72
N THR A 28 -8.43 11.69 -36.12
CA THR A 28 -7.96 11.63 -37.51
C THR A 28 -7.60 10.19 -37.90
N LEU A 29 -6.82 9.50 -37.08
CA LEU A 29 -6.41 8.16 -37.46
C LEU A 29 -7.61 7.27 -37.76
N PHE A 30 -8.59 7.20 -36.86
CA PHE A 30 -9.66 6.22 -37.07
C PHE A 30 -10.61 6.60 -38.21
N GLU A 31 -10.74 7.90 -38.51
CA GLU A 31 -11.47 8.33 -39.70
C GLU A 31 -10.78 7.85 -40.98
N VAL A 32 -9.47 7.99 -41.05
CA VAL A 32 -8.75 7.47 -42.20
C VAL A 32 -8.96 5.96 -42.32
N LEU A 33 -8.80 5.23 -41.21
CA LEU A 33 -8.93 3.79 -41.26
C LEU A 33 -10.34 3.35 -41.66
N SER A 34 -11.33 4.19 -41.44
CA SER A 34 -12.70 3.84 -41.78
C SER A 34 -12.97 3.90 -43.28
N ARG A 35 -12.11 4.58 -44.06
CA ARG A 35 -12.18 4.50 -45.52
C ARG A 35 -11.62 3.20 -46.05
N HIS A 36 -11.17 2.33 -45.18
CA HIS A 36 -10.69 1.02 -45.54
C HIS A 36 -11.47 0.03 -44.67
N GLY A 37 -11.36 -1.26 -44.89
CA GLY A 37 -12.36 -2.10 -44.26
C GLY A 37 -12.03 -2.52 -42.84
N VAL A 38 -11.69 -1.57 -41.97
CA VAL A 38 -10.87 -1.85 -40.79
C VAL A 38 -11.73 -2.10 -39.56
N GLU A 39 -11.46 -3.20 -38.86
CA GLU A 39 -12.02 -3.47 -37.55
C GLU A 39 -10.89 -3.52 -36.52
N LEU A 40 -11.20 -3.07 -35.29
CA LEU A 40 -10.20 -2.90 -34.23
C LEU A 40 -10.03 -4.15 -33.39
N LEU A 41 -8.78 -4.61 -33.24
CA LEU A 41 -8.47 -5.65 -32.27
C LEU A 41 -7.91 -5.12 -30.96
N ASN A 42 -7.23 -3.97 -30.96
CA ASN A 42 -6.57 -3.44 -29.78
C ASN A 42 -6.04 -2.03 -30.05
N VAL A 43 -6.24 -1.15 -29.06
CA VAL A 43 -5.82 0.26 -29.11
C VAL A 43 -5.18 0.60 -27.76
N GLU A 44 -3.91 1.01 -27.81
CA GLU A 44 -3.21 1.53 -26.64
C GLU A 44 -2.73 2.94 -26.96
N GLN A 45 -3.00 3.88 -26.07
CA GLN A 45 -2.49 5.22 -26.27
C GLN A 45 -2.20 5.88 -24.91
N VAL A 46 -1.10 6.63 -24.85
CA VAL A 46 -0.77 7.44 -23.68
C VAL A 46 -0.04 8.69 -24.18
N VAL A 47 -0.10 9.75 -23.40
CA VAL A 47 0.75 10.91 -23.61
C VAL A 47 1.55 11.13 -22.33
N ILE A 48 2.87 11.03 -22.44
CA ILE A 48 3.77 11.29 -21.33
C ILE A 48 4.58 12.52 -21.69
N ARG A 49 4.43 13.58 -20.89
CA ARG A 49 5.20 14.81 -21.06
C ARG A 49 5.15 15.28 -22.51
N HIS A 50 3.94 15.30 -23.06
CA HIS A 50 3.61 15.74 -24.42
C HIS A 50 4.14 14.83 -25.52
N ARG A 51 4.61 13.63 -25.19
CA ARG A 51 4.99 12.62 -26.19
C ARG A 51 3.84 11.62 -26.32
N LEU A 52 3.24 11.57 -27.51
CA LEU A 52 2.10 10.71 -27.77
C LEU A 52 2.58 9.40 -28.36
N THR A 53 2.00 8.31 -27.91
CA THR A 53 2.17 7.01 -28.54
C THR A 53 0.80 6.37 -28.69
N LEU A 54 0.47 5.96 -29.92
CA LEU A 54 -0.83 5.39 -30.25
C LEU A 54 -0.56 4.10 -31.02
N GLY A 55 -0.86 2.95 -30.41
CA GLY A 55 -0.66 1.66 -31.06
C GLY A 55 -2.01 1.00 -31.30
N VAL A 56 -2.21 0.56 -32.54
CA VAL A 56 -3.50 0.09 -33.04
C VAL A 56 -3.26 -1.20 -33.82
N LEU A 57 -3.78 -2.31 -33.30
CA LEU A 57 -3.82 -3.56 -34.03
C LEU A 57 -5.21 -3.69 -34.62
N VAL A 58 -5.28 -3.84 -35.94
CA VAL A 58 -6.55 -3.98 -36.63
C VAL A 58 -6.49 -5.21 -37.53
N CYS A 59 -7.64 -5.55 -38.09
CA CYS A 59 -7.72 -6.56 -39.13
C CYS A 59 -8.58 -5.98 -40.25
N CYS A 60 -8.20 -6.28 -41.48
CA CYS A 60 -8.88 -5.74 -42.64
C CYS A 60 -8.79 -6.77 -43.75
N PRO A 61 -9.49 -6.54 -44.85
CA PRO A 61 -9.41 -7.49 -45.97
C PRO A 61 -7.96 -7.62 -46.44
N ALA A 62 -7.55 -8.86 -46.71
CA ALA A 62 -6.25 -9.07 -47.33
C ALA A 62 -6.06 -8.21 -48.57
N ASP A 63 -7.16 -7.80 -49.20
CA ASP A 63 -7.06 -6.89 -50.34
C ASP A 63 -6.47 -5.55 -49.93
N VAL A 64 -7.06 -4.91 -48.91
CA VAL A 64 -6.63 -3.57 -48.51
C VAL A 64 -5.24 -3.61 -47.88
N ALA A 65 -4.96 -4.63 -47.07
CA ALA A 65 -3.65 -4.72 -46.42
C ALA A 65 -2.53 -4.96 -47.43
N ASP A 66 -2.83 -5.64 -48.54
CA ASP A 66 -1.82 -5.96 -49.53
C ASP A 66 -1.59 -4.84 -50.53
N GLY A 67 -2.40 -3.78 -50.51
CA GLY A 67 -2.28 -2.70 -51.45
C GLY A 67 -1.88 -1.38 -50.81
N PRO A 68 -1.37 -0.45 -51.61
CA PRO A 68 -0.76 0.76 -51.07
C PRO A 68 -1.73 1.87 -50.71
N ALA A 69 -3.05 1.68 -50.85
CA ALA A 69 -3.97 2.77 -50.55
C ALA A 69 -4.05 3.03 -49.05
N LEU A 70 -4.25 1.98 -48.26
CA LEU A 70 -4.31 2.14 -46.81
C LEU A 70 -3.05 2.84 -46.28
N ARG A 71 -1.88 2.38 -46.72
CA ARG A 71 -0.63 2.99 -46.27
C ARG A 71 -0.52 4.46 -46.67
N HIS A 72 -0.81 4.79 -47.93
CA HIS A 72 -0.67 6.19 -48.35
C HIS A 72 -1.67 7.09 -47.64
N ASP A 73 -2.89 6.58 -47.39
CA ASP A 73 -3.88 7.36 -46.65
C ASP A 73 -3.42 7.63 -45.21
N VAL A 74 -2.98 6.58 -44.51
CA VAL A 74 -2.48 6.74 -43.15
C VAL A 74 -1.26 7.65 -43.12
N GLU A 75 -0.25 7.31 -43.93
CA GLU A 75 1.02 8.05 -43.85
C GLU A 75 0.82 9.52 -44.16
N ALA A 76 -0.01 9.83 -45.15
CA ALA A 76 -0.17 11.21 -45.56
C ALA A 76 -0.89 12.01 -44.49
N ALA A 77 -1.93 11.41 -43.88
CA ALA A 77 -2.68 12.07 -42.82
C ALA A 77 -1.81 12.31 -41.58
N ILE A 78 -1.07 11.29 -41.15
CA ILE A 78 -0.30 11.46 -39.91
C ILE A 78 0.91 12.36 -40.15
N ARG A 79 1.60 12.16 -41.27
CA ARG A 79 2.80 12.96 -41.50
C ARG A 79 2.47 14.41 -41.73
N LYS A 80 1.34 14.68 -42.38
CA LYS A 80 0.97 16.05 -42.73
C LYS A 80 1.01 16.95 -41.51
N VAL A 81 0.50 16.48 -40.37
CA VAL A 81 0.34 17.35 -39.20
C VAL A 81 1.52 17.28 -38.24
N GLY A 82 2.52 16.45 -38.50
CA GLY A 82 3.74 16.56 -37.74
C GLY A 82 4.27 15.31 -37.06
N LEU A 83 3.47 14.25 -37.05
CA LEU A 83 3.84 13.05 -36.31
C LEU A 83 4.41 12.00 -37.25
N ASP A 84 4.81 10.87 -36.67
CA ASP A 84 5.30 9.72 -37.42
C ASP A 84 4.36 8.53 -37.21
N VAL A 85 4.29 7.66 -38.23
CA VAL A 85 3.44 6.47 -38.19
C VAL A 85 4.19 5.35 -38.88
N SER A 86 4.11 4.15 -38.33
CA SER A 86 4.57 2.95 -39.01
C SER A 86 3.38 2.02 -39.26
N ILE A 87 3.50 1.18 -40.27
CA ILE A 87 2.43 0.28 -40.67
C ILE A 87 3.06 -1.05 -41.06
N GLU A 88 2.56 -2.14 -40.52
CA GLU A 88 3.20 -3.42 -40.79
C GLU A 88 2.19 -4.55 -40.60
N ARG A 89 2.11 -5.44 -41.59
CA ARG A 89 1.35 -6.65 -41.40
C ARG A 89 1.97 -7.45 -40.25
N SER A 90 1.14 -7.76 -39.26
CA SER A 90 1.63 -8.44 -38.07
C SER A 90 1.30 -9.93 -38.15
N ASP A 91 0.03 -10.28 -37.92
CA ASP A 91 -0.45 -11.66 -37.99
C ASP A 91 0.12 -12.54 -36.88
N ASP A 92 1.36 -12.26 -36.45
CA ASP A 92 2.01 -13.04 -35.40
C ASP A 92 2.05 -12.36 -34.03
N VAL A 93 1.62 -11.10 -33.93
CA VAL A 93 1.84 -10.31 -32.73
C VAL A 93 0.78 -10.61 -31.68
N PRO A 94 1.06 -10.41 -30.40
CA PRO A 94 0.00 -10.55 -29.38
C PRO A 94 -1.10 -9.53 -29.64
N ILE A 95 -2.33 -9.92 -29.34
CA ILE A 95 -3.43 -8.97 -29.49
C ILE A 95 -3.46 -8.01 -28.32
N ILE A 96 -3.35 -8.54 -27.12
CA ILE A 96 -3.49 -7.70 -25.95
C ILE A 96 -2.55 -8.22 -24.87
N ARG A 97 -1.69 -7.34 -24.37
CA ARG A 97 -0.66 -7.70 -23.40
C ARG A 97 -1.26 -8.42 -22.21
N GLU A 98 -0.46 -9.25 -21.55
CA GLU A 98 -0.91 -9.89 -20.32
C GLU A 98 -0.78 -8.93 -19.15
N PRO A 99 -1.51 -9.17 -18.06
CA PRO A 99 -1.43 -8.27 -16.91
C PRO A 99 -0.10 -8.42 -16.23
N SER A 100 0.29 -7.38 -15.48
CA SER A 100 1.46 -7.50 -14.64
C SER A 100 1.23 -8.57 -13.58
N THR A 101 2.31 -9.20 -13.12
CA THR A 101 2.21 -10.14 -12.00
C THR A 101 2.32 -9.47 -10.64
N HIS A 102 3.06 -8.37 -10.54
CA HIS A 102 3.43 -7.78 -9.26
C HIS A 102 3.51 -6.28 -9.45
N THR A 103 3.57 -5.57 -8.35
CA THR A 103 3.73 -4.13 -8.40
C THR A 103 4.72 -3.76 -7.32
N ILE A 104 5.52 -2.73 -7.59
CA ILE A 104 6.59 -2.32 -6.70
C ILE A 104 6.37 -0.85 -6.37
N PHE A 105 6.31 -0.54 -5.08
CA PHE A 105 6.21 0.84 -4.63
C PHE A 105 7.55 1.30 -4.06
N VAL A 106 7.94 2.50 -4.44
CA VAL A 106 9.21 3.08 -4.03
C VAL A 106 8.87 4.42 -3.39
N LEU A 107 9.07 4.52 -2.09
CA LEU A 107 8.76 5.75 -1.37
C LEU A 107 10.05 6.30 -0.82
N GLY A 108 10.25 7.60 -0.99
CA GLY A 108 11.48 8.21 -0.55
C GLY A 108 11.26 9.68 -0.27
N ARG A 109 12.14 10.21 0.57
CA ARG A 109 12.23 11.65 0.80
C ARG A 109 13.70 11.95 1.09
N PRO A 110 14.52 12.16 0.05
CA PRO A 110 14.02 12.03 -1.32
C PRO A 110 14.22 10.62 -1.87
N ILE A 111 13.79 10.42 -3.12
CA ILE A 111 14.23 9.29 -3.94
C ILE A 111 15.37 9.81 -4.79
N THR A 112 16.58 9.30 -4.56
CA THR A 112 17.66 9.74 -5.42
C THR A 112 17.66 8.94 -6.72
N ALA A 113 18.32 9.49 -7.73
CA ALA A 113 18.58 8.73 -8.95
C ALA A 113 19.27 7.41 -8.63
N ALA A 114 20.24 7.41 -7.72
CA ALA A 114 20.95 6.19 -7.39
C ALA A 114 20.01 5.15 -6.79
N ALA A 115 19.16 5.56 -5.85
CA ALA A 115 18.14 4.67 -5.32
C ALA A 115 17.33 4.03 -6.45
N PHE A 116 16.75 4.86 -7.32
CA PHE A 116 15.90 4.30 -8.37
C PHE A 116 16.68 3.43 -9.33
N GLY A 117 17.89 3.87 -9.71
CA GLY A 117 18.74 3.06 -10.56
C GLY A 117 19.03 1.69 -9.99
N ALA A 118 19.25 1.63 -8.67
CA ALA A 118 19.51 0.34 -8.03
C ALA A 118 18.29 -0.57 -8.13
N VAL A 119 17.10 -0.01 -7.93
CA VAL A 119 15.88 -0.80 -8.08
C VAL A 119 15.79 -1.35 -9.50
N ALA A 120 16.01 -0.47 -10.48
CA ALA A 120 15.85 -0.86 -11.88
C ALA A 120 16.81 -1.98 -12.25
N ARG A 121 18.06 -1.90 -11.78
CA ARG A 121 19.05 -2.93 -12.09
C ARG A 121 18.79 -4.21 -11.31
N GLU A 122 18.40 -4.08 -10.04
CA GLU A 122 17.94 -5.24 -9.27
C GLU A 122 16.84 -5.98 -10.00
N VAL A 123 15.80 -5.25 -10.42
CA VAL A 123 14.73 -5.82 -11.21
C VAL A 123 15.28 -6.53 -12.44
N ALA A 124 16.09 -5.82 -13.24
CA ALA A 124 16.59 -6.41 -14.48
C ALA A 124 17.37 -7.69 -14.22
N ALA A 125 18.25 -7.68 -13.22
CA ALA A 125 19.13 -8.82 -13.01
C ALA A 125 18.36 -10.11 -12.78
N LEU A 126 17.09 -10.04 -12.40
CA LEU A 126 16.27 -11.22 -12.16
C LEU A 126 15.37 -11.55 -13.34
N GLY A 127 15.58 -10.92 -14.48
CA GLY A 127 14.70 -11.15 -15.61
C GLY A 127 13.28 -10.66 -15.42
N VAL A 128 13.09 -9.59 -14.65
CA VAL A 128 11.77 -9.02 -14.40
C VAL A 128 11.56 -7.85 -15.36
N ASN A 129 10.46 -7.89 -16.09
CA ASN A 129 10.13 -6.84 -17.04
C ASN A 129 9.34 -5.75 -16.34
N ILE A 130 9.69 -4.50 -16.61
CA ILE A 130 8.91 -3.37 -16.14
C ILE A 130 7.83 -3.07 -17.17
N ASP A 131 6.57 -3.25 -16.80
CA ASP A 131 5.48 -2.98 -17.73
C ASP A 131 4.97 -1.54 -17.65
N LEU A 132 5.06 -0.88 -16.48
CA LEU A 132 4.58 0.49 -16.33
C LEU A 132 5.35 1.15 -15.19
N ILE A 133 5.62 2.45 -15.32
CA ILE A 133 6.06 3.25 -14.18
C ILE A 133 5.21 4.50 -14.11
N ARG A 134 4.73 4.83 -12.90
CA ARG A 134 3.97 6.05 -12.75
C ARG A 134 4.27 6.65 -11.39
N GLY A 135 3.91 7.92 -11.21
CA GLY A 135 3.93 8.52 -9.90
C GLY A 135 2.60 8.26 -9.19
N VAL A 136 2.68 7.95 -7.89
CA VAL A 136 1.48 7.91 -7.07
C VAL A 136 1.45 8.98 -6.00
N SER A 137 2.55 9.66 -5.72
CA SER A 137 2.48 10.76 -4.75
C SER A 137 3.59 11.76 -4.99
N ASP A 138 3.29 13.02 -4.70
CA ASP A 138 4.28 14.07 -4.54
C ASP A 138 4.30 14.65 -3.13
N TYR A 139 3.43 14.18 -2.25
CA TYR A 139 3.38 14.59 -0.85
C TYR A 139 2.57 13.55 -0.08
N PRO A 140 2.91 13.26 1.18
CA PRO A 140 4.03 13.85 1.94
C PRO A 140 5.39 13.33 1.54
N VAL A 141 5.44 12.30 0.68
CA VAL A 141 6.68 11.75 0.17
C VAL A 141 6.55 11.52 -1.33
N ILE A 142 7.70 11.41 -2.00
CA ILE A 142 7.69 11.00 -3.39
C ILE A 142 7.35 9.50 -3.45
N GLY A 143 6.32 9.15 -4.23
CA GLY A 143 5.98 7.75 -4.43
C GLY A 143 5.91 7.35 -5.89
N LEU A 144 6.57 6.25 -6.23
CA LEU A 144 6.66 5.76 -7.60
C LEU A 144 6.25 4.29 -7.61
N GLU A 145 5.53 3.90 -8.67
CA GLU A 145 5.04 2.54 -8.86
C GLU A 145 5.60 1.94 -10.14
N LEU A 146 6.11 0.72 -10.04
CA LEU A 146 6.48 -0.08 -11.19
C LEU A 146 5.62 -1.34 -11.19
N ARG A 147 4.80 -1.51 -12.22
CA ARG A 147 4.13 -2.78 -12.43
C ARG A 147 5.06 -3.69 -13.23
N VAL A 148 5.23 -4.92 -12.80
CA VAL A 148 6.26 -5.77 -13.38
C VAL A 148 5.71 -7.16 -13.63
N SER A 149 6.50 -7.96 -14.34
CA SER A 149 6.14 -9.31 -14.74
C SER A 149 7.29 -10.17 -14.27
N VAL A 150 7.06 -10.90 -13.18
CA VAL A 150 8.17 -11.56 -12.51
C VAL A 150 8.23 -13.00 -13.02
N PRO A 151 9.38 -13.48 -13.45
CA PRO A 151 9.51 -14.91 -13.78
C PRO A 151 8.99 -15.76 -12.63
N PRO A 152 8.32 -16.86 -12.93
CA PRO A 152 7.74 -17.69 -11.85
C PRO A 152 8.80 -18.16 -10.87
N GLY A 153 8.54 -17.95 -9.58
CA GLY A 153 9.46 -18.39 -8.55
C GLY A 153 10.62 -17.45 -8.30
N ALA A 154 10.69 -16.34 -9.02
CA ALA A 154 11.76 -15.37 -8.81
C ALA A 154 11.40 -14.32 -7.76
N ASP A 155 10.15 -14.27 -7.31
CA ASP A 155 9.71 -13.13 -6.50
C ASP A 155 10.23 -13.17 -5.07
N GLU A 156 10.63 -14.35 -4.57
CA GLU A 156 11.36 -14.39 -3.31
C GLU A 156 12.71 -13.70 -3.44
N ALA A 157 13.48 -14.08 -4.47
CA ALA A 157 14.72 -13.37 -4.79
C ALA A 157 14.49 -11.88 -4.96
N LEU A 158 13.40 -11.49 -5.64
CA LEU A 158 13.16 -10.08 -5.91
C LEU A 158 12.93 -9.30 -4.60
N ARG A 159 12.10 -9.84 -3.72
CA ARG A 159 11.92 -9.17 -2.44
C ARG A 159 13.24 -9.07 -1.69
N THR A 160 14.01 -10.15 -1.70
CA THR A 160 15.32 -10.13 -1.03
C THR A 160 16.22 -9.06 -1.63
N ALA A 161 16.38 -9.08 -2.96
CA ALA A 161 17.22 -8.06 -3.62
C ALA A 161 16.76 -6.65 -3.27
N LEU A 162 15.45 -6.40 -3.32
CA LEU A 162 14.95 -5.04 -3.13
C LEU A 162 15.02 -4.58 -1.67
N ASN A 163 15.00 -5.52 -0.72
CA ASN A 163 15.14 -5.10 0.67
C ASN A 163 16.54 -4.56 0.94
N ARG A 164 17.55 -5.16 0.33
CA ARG A 164 18.90 -4.60 0.42
C ARG A 164 18.96 -3.22 -0.22
N VAL A 165 18.46 -3.09 -1.47
CA VAL A 165 18.42 -1.78 -2.10
C VAL A 165 17.76 -0.79 -1.15
N SER A 166 16.68 -1.21 -0.50
CA SER A 166 15.93 -0.32 0.36
C SER A 166 16.79 0.21 1.50
N SER A 167 17.51 -0.68 2.19
CA SER A 167 18.33 -0.21 3.30
C SER A 167 19.54 0.55 2.79
N GLU A 168 20.18 0.05 1.74
CA GLU A 168 21.37 0.71 1.23
C GLU A 168 21.08 2.13 0.74
N GLU A 169 19.84 2.41 0.26
CA GLU A 169 19.57 3.67 -0.40
C GLU A 169 18.59 4.57 0.34
N HIS A 170 18.00 4.13 1.44
CA HIS A 170 17.11 4.99 2.22
C HIS A 170 15.83 5.35 1.44
N VAL A 171 15.22 4.32 0.85
CA VAL A 171 13.86 4.36 0.30
C VAL A 171 13.13 3.12 0.79
N ASP A 172 11.83 3.27 1.03
CA ASP A 172 11.00 2.08 1.20
C ASP A 172 10.76 1.41 -0.15
N VAL A 173 10.84 0.08 -0.19
CA VAL A 173 10.59 -0.67 -1.41
C VAL A 173 9.67 -1.83 -1.05
N ALA A 174 8.44 -1.80 -1.58
CA ALA A 174 7.44 -2.82 -1.29
C ALA A 174 7.08 -3.57 -2.56
N VAL A 175 7.20 -4.90 -2.51
CA VAL A 175 6.79 -5.78 -3.61
C VAL A 175 5.47 -6.45 -3.22
N GLU A 176 4.46 -6.33 -4.08
CA GLU A 176 3.10 -6.78 -3.77
C GLU A 176 2.52 -7.55 -4.96
N ASP A 177 1.85 -8.68 -4.68
CA ASP A 177 1.16 -9.45 -5.73
C ASP A 177 0.07 -8.61 -6.38
N TYR A 178 0.04 -8.58 -7.70
CA TYR A 178 -0.84 -7.72 -8.46
C TYR A 178 -1.96 -8.50 -9.15
N THR A 179 -2.40 -9.61 -8.56
CA THR A 179 -3.48 -10.40 -9.12
C THR A 179 -4.84 -9.84 -8.70
N LEU A 180 -5.88 -10.24 -9.44
CA LEU A 180 -7.24 -9.81 -9.12
C LEU A 180 -7.57 -10.08 -7.66
N GLU A 181 -7.40 -11.33 -7.22
CA GLU A 181 -7.80 -11.71 -5.86
C GLU A 181 -7.02 -10.90 -4.83
N ARG A 182 -5.71 -11.11 -4.80
CA ARG A 182 -4.85 -10.60 -3.72
C ARG A 182 -4.89 -9.08 -3.58
N ARG A 183 -5.40 -8.35 -4.58
CA ARG A 183 -5.45 -6.90 -4.49
C ARG A 183 -6.86 -6.35 -4.31
N ALA A 184 -7.85 -7.22 -4.06
CA ALA A 184 -9.17 -6.79 -3.59
C ALA A 184 -9.27 -6.73 -2.06
N LYS A 185 -8.23 -6.18 -1.43
CA LYS A 185 -8.18 -6.08 0.02
C LYS A 185 -9.40 -5.35 0.56
N ARG A 186 -9.99 -5.87 1.63
CA ARG A 186 -11.22 -5.31 2.15
C ARG A 186 -11.22 -4.99 3.64
N LEU A 187 -10.20 -5.41 4.39
CA LEU A 187 -10.18 -5.32 5.85
C LEU A 187 -8.78 -4.95 6.32
N ILE A 188 -8.69 -3.92 7.16
CA ILE A 188 -7.41 -3.47 7.73
C ILE A 188 -7.54 -3.37 9.25
N VAL A 189 -6.49 -3.78 9.96
CA VAL A 189 -6.35 -3.53 11.39
C VAL A 189 -5.06 -2.74 11.62
N PHE A 190 -5.13 -1.75 12.50
CA PHE A 190 -3.98 -1.02 13.00
C PHE A 190 -3.70 -1.41 14.45
N ASP A 191 -2.43 -1.66 14.74
CA ASP A 191 -1.93 -1.47 16.09
C ASP A 191 -2.21 -0.03 16.50
N VAL A 192 -2.35 0.19 17.80
CA VAL A 192 -2.64 1.54 18.29
C VAL A 192 -1.33 2.27 18.59
N ASP A 193 -0.64 1.82 19.64
CA ASP A 193 0.50 2.55 20.19
C ASP A 193 1.63 2.60 19.17
N SER A 194 2.10 3.82 18.89
CA SER A 194 3.18 4.08 17.94
C SER A 194 2.80 3.67 16.52
N THR A 195 1.51 3.44 16.26
CA THR A 195 1.06 3.20 14.90
C THR A 195 -0.09 4.16 14.56
N LEU A 196 -1.31 3.86 15.02
CA LEU A 196 -2.40 4.80 14.79
C LEU A 196 -2.25 6.05 15.64
N VAL A 197 -1.59 5.94 16.78
CA VAL A 197 -1.51 6.98 17.80
C VAL A 197 -0.04 7.26 18.09
N GLN A 198 0.30 8.54 18.24
CA GLN A 198 1.66 8.89 18.61
C GLN A 198 1.99 8.43 20.02
N GLY A 199 3.15 7.81 20.19
CA GLY A 199 3.60 7.44 21.51
C GLY A 199 2.90 6.22 22.09
N GLU A 200 3.18 5.97 23.37
CA GLU A 200 2.79 4.74 24.07
C GLU A 200 1.92 5.11 25.26
N VAL A 201 0.65 4.70 25.23
CA VAL A 201 -0.28 5.12 26.27
C VAL A 201 0.23 4.69 27.64
N ILE A 202 0.79 3.49 27.75
CA ILE A 202 1.21 3.00 29.05
C ILE A 202 2.32 3.87 29.60
N GLU A 203 3.10 4.49 28.71
CA GLU A 203 4.09 5.46 29.17
C GLU A 203 3.41 6.73 29.66
N MET A 204 2.31 7.14 29.03
CA MET A 204 1.57 8.29 29.52
C MET A 204 0.85 8.00 30.83
N LEU A 205 0.43 6.78 31.06
CA LEU A 205 -0.13 6.46 32.37
C LEU A 205 0.97 6.46 33.43
N ALA A 206 2.10 5.81 33.15
CA ALA A 206 3.19 5.77 34.12
C ALA A 206 3.70 7.15 34.47
N ALA A 207 3.66 8.10 33.53
CA ALA A 207 4.09 9.46 33.90
C ALA A 207 3.28 9.99 35.06
N LYS A 208 2.00 9.59 35.16
CA LYS A 208 1.16 10.02 36.28
C LYS A 208 1.64 9.44 37.59
N ALA A 209 2.46 8.38 37.53
CA ALA A 209 3.02 7.71 38.70
C ALA A 209 4.48 8.04 38.88
N GLY A 210 5.03 8.96 38.09
CA GLY A 210 6.46 9.16 38.13
C GLY A 210 7.24 7.94 37.76
N ALA A 211 6.64 6.99 37.01
CA ALA A 211 7.32 5.78 36.57
C ALA A 211 7.64 5.77 35.08
N GLU A 212 7.54 6.92 34.38
CA GLU A 212 7.64 6.92 32.92
C GLU A 212 8.96 6.31 32.46
N GLY A 213 10.07 6.73 33.09
CA GLY A 213 11.38 6.23 32.70
C GLY A 213 11.46 4.72 32.72
N GLN A 214 11.04 4.11 33.82
CA GLN A 214 11.05 2.66 33.91
C GLN A 214 10.11 2.02 32.88
N VAL A 215 8.85 2.50 32.81
CA VAL A 215 7.92 1.90 31.86
C VAL A 215 8.45 2.02 30.43
N ALA A 216 8.92 3.21 30.04
CA ALA A 216 9.41 3.39 28.67
C ALA A 216 10.52 2.43 28.33
N ALA A 217 11.39 2.11 29.31
CA ALA A 217 12.53 1.22 29.07
C ALA A 217 12.07 -0.21 28.88
N ILE A 218 11.09 -0.62 29.68
CA ILE A 218 10.50 -1.95 29.52
C ILE A 218 9.76 -2.03 28.18
N THR A 219 9.07 -0.95 27.80
CA THR A 219 8.33 -0.93 26.54
C THR A 219 9.27 -1.11 25.35
N ASP A 220 10.39 -0.38 25.30
CA ASP A 220 11.30 -0.52 24.17
C ASP A 220 11.90 -1.91 24.12
N ALA A 221 12.22 -2.50 25.28
CA ALA A 221 12.72 -3.87 25.30
C ALA A 221 11.64 -4.84 24.82
N ALA A 222 10.37 -4.57 25.16
CA ALA A 222 9.27 -5.44 24.75
C ALA A 222 8.99 -5.30 23.25
N MET A 223 9.00 -4.07 22.73
CA MET A 223 8.75 -3.79 21.33
C MET A 223 9.91 -4.18 20.42
N ARG A 224 11.04 -4.61 20.97
CA ARG A 224 12.13 -5.13 20.16
C ARG A 224 12.21 -6.64 20.19
N GLY A 225 11.22 -7.31 20.78
CA GLY A 225 11.27 -8.75 20.98
C GLY A 225 12.22 -9.21 22.06
N GLU A 226 12.80 -8.30 22.84
CA GLU A 226 13.75 -8.67 23.87
C GLU A 226 13.08 -9.29 25.10
N LEU A 227 11.81 -9.01 25.34
CA LEU A 227 11.10 -9.50 26.50
C LEU A 227 9.80 -10.17 26.08
N ASP A 228 9.37 -11.16 26.85
CA ASP A 228 8.07 -11.77 26.62
C ASP A 228 6.98 -10.74 26.85
N PHE A 229 6.03 -10.65 25.93
CA PHE A 229 5.06 -9.55 25.98
C PHE A 229 4.25 -9.59 27.27
N ALA A 230 3.75 -10.78 27.64
CA ALA A 230 2.89 -10.89 28.81
C ALA A 230 3.59 -10.43 30.08
N GLN A 231 4.79 -10.95 30.34
CA GLN A 231 5.56 -10.48 31.49
C GLN A 231 5.79 -8.97 31.44
N SER A 232 6.13 -8.46 30.24
CA SER A 232 6.45 -7.04 30.11
C SER A 232 5.23 -6.15 30.38
N LEU A 233 4.02 -6.64 30.10
CA LEU A 233 2.83 -5.84 30.35
C LEU A 233 2.46 -5.82 31.83
N GLN A 234 2.68 -6.95 32.52
CA GLN A 234 2.39 -7.03 33.96
C GLN A 234 3.33 -6.14 34.74
N GLN A 235 4.63 -6.22 34.44
CA GLN A 235 5.60 -5.33 35.08
C GLN A 235 5.22 -3.87 34.85
N ARG A 236 4.79 -3.55 33.63
CA ARG A 236 4.56 -2.15 33.33
C ARG A 236 3.28 -1.64 34.00
N VAL A 237 2.20 -2.43 33.92
CA VAL A 237 0.94 -1.97 34.49
C VAL A 237 1.04 -1.91 36.01
N ALA A 238 1.86 -2.79 36.61
CA ALA A 238 2.04 -2.77 38.06
C ALA A 238 2.45 -1.38 38.56
N THR A 239 3.27 -0.66 37.79
CA THR A 239 3.72 0.68 38.21
C THR A 239 2.55 1.64 38.29
N LEU A 240 1.37 1.16 37.94
CA LEU A 240 0.19 2.00 38.00
C LEU A 240 -0.63 1.75 39.25
N ALA A 241 -0.29 0.70 40.01
CA ALA A 241 -0.97 0.37 41.28
C ALA A 241 -1.07 1.61 42.16
N GLY A 242 -2.29 2.04 42.44
CA GLY A 242 -2.52 3.12 43.35
C GLY A 242 -3.02 4.37 42.70
N LEU A 243 -2.74 4.57 41.41
CA LEU A 243 -3.29 5.70 40.70
C LEU A 243 -4.81 5.59 40.67
N PRO A 244 -5.51 6.70 40.82
CA PRO A 244 -6.97 6.66 40.67
C PRO A 244 -7.38 6.39 39.23
N ALA A 245 -8.54 5.75 39.06
CA ALA A 245 -8.99 5.37 37.74
C ALA A 245 -9.24 6.58 36.86
N THR A 246 -9.46 7.76 37.45
CA THR A 246 -9.67 8.96 36.66
C THR A 246 -8.55 9.22 35.67
N VAL A 247 -7.39 8.59 35.87
CA VAL A 247 -6.23 8.91 35.04
C VAL A 247 -6.44 8.40 33.62
N ILE A 248 -7.38 7.48 33.42
CA ILE A 248 -7.64 6.92 32.11
C ILE A 248 -8.21 7.99 31.18
N ASP A 249 -9.36 8.56 31.55
CA ASP A 249 -9.92 9.67 30.78
C ASP A 249 -8.87 10.74 30.51
N GLU A 250 -8.04 11.03 31.52
CA GLU A 250 -7.05 12.09 31.37
C GLU A 250 -6.15 11.80 30.19
N VAL A 251 -5.49 10.63 30.22
CA VAL A 251 -4.64 10.23 29.10
C VAL A 251 -5.46 10.11 27.82
N ALA A 252 -6.68 9.59 27.92
CA ALA A 252 -7.52 9.47 26.72
C ALA A 252 -7.58 10.80 25.97
N GLY A 253 -7.85 11.89 26.69
CA GLY A 253 -7.94 13.22 26.11
C GLY A 253 -6.63 13.82 25.66
N GLN A 254 -5.50 13.21 26.02
CA GLN A 254 -4.20 13.72 25.62
C GLN A 254 -3.72 13.16 24.28
N LEU A 255 -4.34 12.07 23.81
CA LEU A 255 -3.76 11.30 22.73
C LEU A 255 -3.73 12.08 21.43
N GLU A 256 -2.71 11.82 20.62
CA GLU A 256 -2.56 12.43 19.31
C GLU A 256 -2.46 11.34 18.26
N LEU A 257 -3.34 11.39 17.28
CA LEU A 257 -3.25 10.53 16.10
C LEU A 257 -1.90 10.68 15.40
N MET A 258 -1.36 9.55 14.94
CA MET A 258 -0.24 9.59 14.01
C MET A 258 -0.56 10.54 12.87
N PRO A 259 0.40 11.30 12.35
CA PRO A 259 0.08 12.25 11.28
C PRO A 259 -0.35 11.53 10.01
N GLY A 260 -1.43 12.04 9.41
CA GLY A 260 -2.07 11.38 8.28
C GLY A 260 -3.01 10.25 8.63
N ALA A 261 -3.28 10.05 9.93
CA ALA A 261 -4.16 8.96 10.34
C ALA A 261 -5.61 9.21 9.95
N ARG A 262 -6.09 10.45 10.08
CA ARG A 262 -7.47 10.77 9.67
C ARG A 262 -7.67 10.57 8.17
N THR A 263 -6.75 11.11 7.37
CA THR A 263 -6.75 10.84 5.93
C THR A 263 -6.73 9.35 5.64
N THR A 264 -5.85 8.60 6.32
CA THR A 264 -5.83 7.16 6.12
C THR A 264 -7.20 6.54 6.37
N LEU A 265 -7.79 6.83 7.54
CA LEU A 265 -9.04 6.16 7.86
C LEU A 265 -10.17 6.63 6.96
N ARG A 266 -10.25 7.93 6.72
CA ARG A 266 -11.31 8.46 5.86
C ARG A 266 -11.21 7.88 4.46
N THR A 267 -10.01 7.87 3.89
CA THR A 267 -9.84 7.30 2.56
C THR A 267 -10.21 5.83 2.52
N LEU A 268 -9.91 5.10 3.59
CA LEU A 268 -10.21 3.67 3.65
C LEU A 268 -11.70 3.41 3.83
N ARG A 269 -12.44 4.37 4.39
CA ARG A 269 -13.89 4.21 4.43
C ARG A 269 -14.48 4.43 3.05
N ARG A 270 -13.94 5.41 2.31
CA ARG A 270 -14.39 5.62 0.94
C ARG A 270 -14.31 4.34 0.12
N LEU A 271 -13.28 3.52 0.36
CA LEU A 271 -13.06 2.29 -0.39
C LEU A 271 -13.81 1.09 0.17
N GLY A 272 -14.61 1.29 1.21
CA GLY A 272 -15.39 0.22 1.80
C GLY A 272 -14.62 -0.78 2.64
N TYR A 273 -13.47 -0.41 3.20
CA TYR A 273 -12.78 -1.31 4.12
C TYR A 273 -13.52 -1.42 5.44
N ALA A 274 -13.51 -2.61 6.01
CA ALA A 274 -13.74 -2.73 7.44
C ALA A 274 -12.46 -2.30 8.16
N CYS A 275 -12.60 -1.44 9.17
CA CYS A 275 -11.45 -0.90 9.90
C CYS A 275 -11.55 -1.26 11.38
N GLY A 276 -10.44 -1.77 11.95
CA GLY A 276 -10.38 -2.06 13.38
C GLY A 276 -9.01 -1.82 13.98
N VAL A 277 -8.93 -2.05 15.29
CA VAL A 277 -7.69 -1.93 16.05
C VAL A 277 -7.50 -3.14 16.94
N VAL A 278 -6.26 -3.63 17.02
CA VAL A 278 -5.87 -4.68 17.92
C VAL A 278 -4.71 -4.16 18.78
N SER A 279 -4.94 -4.08 20.08
CA SER A 279 -3.96 -3.47 20.97
C SER A 279 -3.72 -4.32 22.21
N GLY A 280 -2.46 -4.34 22.67
CA GLY A 280 -2.15 -4.77 24.02
C GLY A 280 -2.54 -3.75 25.09
N GLY A 281 -2.88 -2.51 24.68
CA GLY A 281 -3.31 -1.47 25.57
C GLY A 281 -4.68 -1.74 26.16
N PHE A 282 -5.42 -0.68 26.48
CA PHE A 282 -6.51 -0.78 27.44
C PHE A 282 -7.82 -0.31 26.82
N ARG A 283 -8.81 -1.22 26.82
CA ARG A 283 -10.08 -0.98 26.16
C ARG A 283 -10.73 0.33 26.59
N ARG A 284 -10.55 0.73 27.84
CA ARG A 284 -11.22 1.94 28.32
C ARG A 284 -10.69 3.19 27.67
N ILE A 285 -9.48 3.15 27.13
CA ILE A 285 -8.89 4.28 26.41
C ILE A 285 -9.15 4.17 24.91
N ILE A 286 -9.06 2.97 24.37
CA ILE A 286 -9.17 2.80 22.93
C ILE A 286 -10.62 2.93 22.49
N GLU A 287 -11.56 2.43 23.29
CA GLU A 287 -12.96 2.53 22.91
C GLU A 287 -13.40 3.96 22.72
N PRO A 288 -13.15 4.89 23.64
CA PRO A 288 -13.52 6.28 23.37
C PRO A 288 -13.09 6.73 21.98
N LEU A 289 -11.91 6.29 21.53
CA LEU A 289 -11.34 6.75 20.26
C LEU A 289 -11.88 5.96 19.07
N ALA A 290 -11.89 4.64 19.17
CA ALA A 290 -12.46 3.82 18.10
C ALA A 290 -13.84 4.30 17.72
N GLU A 291 -14.66 4.67 18.72
CA GLU A 291 -15.97 5.21 18.43
C GLU A 291 -15.85 6.56 17.75
N GLU A 292 -14.98 7.44 18.27
CA GLU A 292 -14.76 8.70 17.58
C GLU A 292 -14.31 8.49 16.14
N LEU A 293 -13.56 7.41 15.86
CA LEU A 293 -13.05 7.16 14.50
C LEU A 293 -13.96 6.23 13.70
N MET A 294 -15.09 5.85 14.27
CA MET A 294 -16.08 5.04 13.54
C MET A 294 -15.49 3.71 13.13
N LEU A 295 -14.82 3.04 14.05
CA LEU A 295 -14.21 1.78 13.68
C LEU A 295 -15.23 0.66 13.83
N ASP A 296 -14.89 -0.49 13.26
CA ASP A 296 -15.80 -1.63 13.25
C ASP A 296 -15.43 -2.68 14.29
N TYR A 297 -14.23 -2.61 14.86
CA TYR A 297 -13.78 -3.69 15.70
C TYR A 297 -12.63 -3.21 16.57
N VAL A 298 -12.75 -3.45 17.87
CA VAL A 298 -11.70 -3.15 18.82
C VAL A 298 -11.38 -4.42 19.59
N ALA A 299 -10.09 -4.71 19.73
CA ALA A 299 -9.56 -5.73 20.63
C ALA A 299 -8.47 -5.09 21.46
N ALA A 300 -8.52 -5.30 22.77
CA ALA A 300 -7.59 -4.66 23.69
C ALA A 300 -7.62 -5.40 25.03
N ASN A 301 -6.72 -4.98 25.92
CA ASN A 301 -6.67 -5.50 27.26
C ASN A 301 -7.49 -4.62 28.19
N GLU A 302 -7.63 -5.07 29.44
CA GLU A 302 -8.51 -4.40 30.39
C GLU A 302 -7.78 -4.19 31.71
N LEU A 303 -7.81 -2.96 32.22
CA LEU A 303 -7.20 -2.61 33.49
C LEU A 303 -8.11 -3.00 34.65
N GLU A 304 -7.52 -3.61 35.68
CA GLU A 304 -8.27 -3.93 36.89
C GLU A 304 -8.47 -2.68 37.75
N ILE A 305 -9.69 -2.47 38.24
CA ILE A 305 -10.01 -1.30 39.06
C ILE A 305 -10.74 -1.76 40.33
N VAL A 306 -10.33 -1.21 41.47
CA VAL A 306 -10.99 -1.46 42.75
C VAL A 306 -11.24 -0.13 43.44
N ASP A 307 -12.49 0.08 43.88
CA ASP A 307 -12.84 1.31 44.58
C ASP A 307 -12.36 2.54 43.82
N GLY A 308 -12.58 2.52 42.50
CA GLY A 308 -12.19 3.64 41.68
C GLY A 308 -10.69 3.86 41.57
N THR A 309 -9.90 2.83 41.82
CA THR A 309 -8.45 2.93 41.85
C THR A 309 -7.85 1.78 41.07
N LEU A 310 -6.74 2.04 40.39
CA LEU A 310 -6.08 1.00 39.64
C LEU A 310 -5.34 0.07 40.58
N THR A 311 -5.43 -1.23 40.32
CA THR A 311 -4.73 -2.15 41.20
C THR A 311 -3.33 -2.46 40.69
N GLY A 312 -3.00 -2.02 39.48
CA GLY A 312 -1.75 -2.38 38.86
C GLY A 312 -1.78 -3.70 38.12
N ARG A 313 -2.96 -4.30 37.93
CA ARG A 313 -3.12 -5.52 37.16
C ARG A 313 -4.03 -5.30 35.96
N VAL A 314 -3.99 -6.26 35.03
CA VAL A 314 -4.96 -6.32 33.95
C VAL A 314 -5.88 -7.52 34.20
N VAL A 315 -7.11 -7.42 33.67
CA VAL A 315 -8.10 -8.49 33.76
C VAL A 315 -7.91 -9.38 32.54
N GLY A 316 -7.36 -10.58 32.75
CA GLY A 316 -7.20 -11.52 31.67
C GLY A 316 -8.51 -11.78 30.97
N PRO A 317 -8.46 -12.42 29.79
CA PRO A 317 -7.24 -12.92 29.16
C PRO A 317 -6.44 -11.83 28.46
N ILE A 318 -5.13 -12.02 28.42
CA ILE A 318 -4.21 -11.03 27.89
C ILE A 318 -4.05 -11.26 26.41
N ILE A 319 -4.21 -10.18 25.63
CA ILE A 319 -3.85 -10.22 24.22
C ILE A 319 -2.34 -10.10 24.11
N ASP A 320 -1.68 -11.21 23.78
CA ASP A 320 -0.25 -11.27 23.54
C ASP A 320 0.01 -11.31 22.03
N ARG A 321 1.28 -11.44 21.65
CA ARG A 321 1.62 -11.57 20.23
C ARG A 321 0.64 -12.51 19.51
N ALA A 322 0.50 -13.73 20.00
CA ALA A 322 -0.41 -14.68 19.37
C ALA A 322 -1.85 -14.17 19.39
N GLY A 323 -2.23 -13.49 20.47
CA GLY A 323 -3.60 -13.01 20.57
C GLY A 323 -3.96 -11.93 19.57
N LYS A 324 -2.98 -11.19 19.06
CA LYS A 324 -3.32 -10.17 18.06
C LYS A 324 -3.70 -10.82 16.73
N ALA A 325 -2.93 -11.82 16.31
CA ALA A 325 -3.34 -12.65 15.18
C ALA A 325 -4.72 -13.24 15.40
N THR A 326 -4.99 -13.70 16.61
CA THR A 326 -6.27 -14.36 16.87
C THR A 326 -7.42 -13.38 16.74
N ALA A 327 -7.23 -12.15 17.19
CA ALA A 327 -8.27 -11.14 17.00
C ALA A 327 -8.45 -10.82 15.51
N LEU A 328 -7.38 -10.78 14.74
CA LEU A 328 -7.51 -10.51 13.31
C LEU A 328 -8.39 -11.56 12.65
N ARG A 329 -8.00 -12.83 12.77
CA ARG A 329 -8.85 -13.94 12.33
C ARG A 329 -10.29 -13.76 12.76
N GLU A 330 -10.50 -13.51 14.05
CA GLU A 330 -11.87 -13.33 14.56
C GLU A 330 -12.58 -12.21 13.83
N PHE A 331 -11.87 -11.11 13.62
CA PHE A 331 -12.41 -9.97 12.90
C PHE A 331 -12.71 -10.34 11.45
N ALA A 332 -11.80 -11.05 10.81
CA ALA A 332 -12.00 -11.41 9.41
C ALA A 332 -13.19 -12.36 9.25
N GLN A 333 -13.36 -13.30 10.19
CA GLN A 333 -14.47 -14.23 10.08
C GLN A 333 -15.80 -13.53 10.25
N ARG A 334 -15.89 -12.62 11.23
CA ARG A 334 -17.11 -11.87 11.46
C ARG A 334 -17.47 -10.97 10.28
N ALA A 335 -16.47 -10.45 9.58
CA ALA A 335 -16.72 -9.53 8.47
C ALA A 335 -16.93 -10.25 7.14
N GLY A 336 -16.63 -11.54 7.08
CA GLY A 336 -16.76 -12.25 5.84
C GLY A 336 -15.65 -11.94 4.86
N VAL A 337 -14.41 -11.93 5.34
CA VAL A 337 -13.26 -11.54 4.53
C VAL A 337 -12.22 -12.65 4.66
N PRO A 338 -11.78 -13.27 3.58
CA PRO A 338 -10.71 -14.26 3.69
C PRO A 338 -9.42 -13.58 4.09
N MET A 339 -8.55 -14.34 4.74
CA MET A 339 -7.39 -13.71 5.35
C MET A 339 -6.44 -13.13 4.31
N ALA A 340 -6.43 -13.69 3.10
CA ALA A 340 -5.59 -13.13 2.06
C ALA A 340 -6.06 -11.75 1.63
N GLN A 341 -7.22 -11.31 2.09
CA GLN A 341 -7.74 -10.00 1.72
C GLN A 341 -7.70 -9.00 2.87
N THR A 342 -6.88 -9.29 3.89
CA THR A 342 -6.79 -8.47 5.09
C THR A 342 -5.45 -7.75 5.15
N VAL A 343 -5.44 -6.62 5.85
CA VAL A 343 -4.23 -5.79 6.01
C VAL A 343 -4.01 -5.54 7.50
N ALA A 344 -2.77 -5.73 7.94
CA ALA A 344 -2.36 -5.38 9.29
C ALA A 344 -1.18 -4.44 9.22
N VAL A 345 -1.25 -3.40 10.04
CA VAL A 345 -0.22 -2.38 10.17
C VAL A 345 0.19 -2.28 11.64
N GLY A 346 1.49 -2.41 11.92
CA GLY A 346 2.01 -2.31 13.28
C GLY A 346 3.46 -1.90 13.30
N ASP A 347 4.04 -1.87 14.52
CA ASP A 347 5.39 -1.34 14.73
C ASP A 347 6.29 -2.21 15.59
N GLY A 348 5.77 -3.08 16.46
CA GLY A 348 6.60 -3.78 17.42
C GLY A 348 6.60 -5.27 17.23
N ALA A 349 7.54 -6.00 17.86
CA ALA A 349 7.49 -7.45 17.79
C ALA A 349 6.17 -7.97 18.30
N ASN A 350 5.49 -7.15 19.10
CA ASN A 350 4.13 -7.42 19.57
C ASN A 350 3.21 -7.78 18.40
N ASP A 351 3.51 -7.28 17.21
CA ASP A 351 2.64 -7.41 16.07
C ASP A 351 3.10 -8.45 15.06
N ILE A 352 4.21 -9.16 15.34
CA ILE A 352 4.78 -10.08 14.37
C ILE A 352 3.76 -11.11 13.91
N ASP A 353 3.09 -11.76 14.85
CA ASP A 353 2.15 -12.81 14.47
C ASP A 353 0.96 -12.24 13.71
N MET A 354 0.54 -11.03 14.05
CA MET A 354 -0.61 -10.42 13.39
C MET A 354 -0.28 -10.07 11.95
N LEU A 355 0.95 -9.59 11.69
CA LEU A 355 1.37 -9.28 10.34
C LEU A 355 1.55 -10.54 9.50
N ALA A 356 1.99 -11.64 10.10
CA ALA A 356 2.23 -12.85 9.31
C ALA A 356 0.93 -13.43 8.79
N ALA A 357 -0.11 -13.45 9.63
CA ALA A 357 -1.39 -14.02 9.25
C ALA A 357 -2.20 -13.14 8.30
N ALA A 358 -1.95 -11.84 8.31
CA ALA A 358 -2.66 -10.93 7.43
C ALA A 358 -2.25 -11.17 5.98
N GLY A 359 -3.16 -10.86 5.05
CA GLY A 359 -2.79 -10.90 3.65
C GLY A 359 -1.59 -10.00 3.35
N LEU A 360 -1.67 -8.75 3.78
CA LEU A 360 -0.57 -7.78 3.65
C LEU A 360 -0.26 -7.24 5.03
N GLY A 361 0.94 -7.55 5.53
CA GLY A 361 1.40 -7.02 6.81
C GLY A 361 2.39 -5.90 6.63
N ILE A 362 2.01 -4.71 7.10
CA ILE A 362 2.79 -3.49 6.93
C ILE A 362 3.46 -3.13 8.25
N ALA A 363 4.78 -2.98 8.22
CA ALA A 363 5.55 -2.49 9.35
C ALA A 363 5.70 -0.98 9.22
N PHE A 364 5.13 -0.24 10.17
CA PHE A 364 5.17 1.23 10.15
C PHE A 364 6.17 1.71 11.20
N ASN A 365 7.19 2.42 10.74
CA ASN A 365 8.29 2.91 11.57
C ASN A 365 8.59 1.94 12.70
N ALA A 366 8.98 0.73 12.32
CA ALA A 366 8.94 -0.43 13.19
C ALA A 366 10.33 -0.81 13.65
N LYS A 367 10.36 -1.60 14.73
CA LYS A 367 11.59 -2.18 15.23
C LYS A 367 12.08 -3.29 14.30
N PRO A 368 13.39 -3.56 14.30
CA PRO A 368 13.95 -4.53 13.35
C PRO A 368 13.27 -5.89 13.38
N ALA A 369 12.87 -6.38 14.55
CA ALA A 369 12.14 -7.64 14.62
C ALA A 369 10.89 -7.62 13.73
N LEU A 370 10.18 -6.49 13.70
CA LEU A 370 9.01 -6.41 12.83
C LEU A 370 9.41 -6.26 11.37
N ARG A 371 10.28 -5.27 11.07
CA ARG A 371 10.74 -5.09 9.68
C ARG A 371 11.17 -6.40 9.05
N GLU A 372 11.79 -7.30 9.83
CA GLU A 372 12.33 -8.54 9.28
C GLU A 372 11.23 -9.52 8.88
N VAL A 373 10.01 -9.33 9.36
CA VAL A 373 8.91 -10.25 9.14
C VAL A 373 7.80 -9.63 8.30
N ALA A 374 7.77 -8.32 8.14
CA ALA A 374 6.69 -7.65 7.44
C ALA A 374 6.76 -7.93 5.94
N ASP A 375 5.59 -7.97 5.31
CA ASP A 375 5.58 -7.93 3.86
C ASP A 375 6.13 -6.61 3.33
N ALA A 376 5.95 -5.51 4.07
CA ALA A 376 6.34 -4.17 3.64
C ALA A 376 6.65 -3.26 4.83
N SER A 377 7.64 -2.39 4.66
CA SER A 377 8.09 -1.47 5.70
C SER A 377 7.98 -0.04 5.23
N LEU A 378 7.44 0.82 6.09
CA LEU A 378 7.37 2.24 5.87
C LEU A 378 8.28 2.94 6.88
N SER A 379 9.06 3.91 6.40
CA SER A 379 10.04 4.58 7.24
C SER A 379 9.78 6.07 7.43
N HIS A 380 8.64 6.58 6.96
CA HIS A 380 8.44 8.00 7.12
C HIS A 380 7.24 8.25 8.02
N PRO A 381 7.19 9.39 8.71
CA PRO A 381 6.24 9.55 9.82
C PRO A 381 4.84 9.96 9.38
N TYR A 382 4.32 9.36 8.31
CA TYR A 382 3.00 9.70 7.80
C TYR A 382 2.26 8.40 7.59
N LEU A 383 1.19 8.21 8.35
CA LEU A 383 0.44 6.97 8.25
C LEU A 383 -0.27 6.83 6.90
N ASP A 384 -0.55 7.94 6.20
CA ASP A 384 -1.20 7.83 4.89
C ASP A 384 -0.30 7.24 3.81
N THR A 385 1.00 7.04 4.06
CA THR A 385 1.79 6.25 3.13
C THR A 385 1.27 4.82 3.02
N VAL A 386 0.50 4.36 4.02
CA VAL A 386 -0.24 3.10 3.92
C VAL A 386 -1.15 3.11 2.69
N LEU A 387 -1.86 4.21 2.47
CA LEU A 387 -2.75 4.30 1.32
C LEU A 387 -2.01 4.02 0.01
N PHE A 388 -0.77 4.46 -0.11
CA PHE A 388 -0.04 4.23 -1.36
C PHE A 388 0.21 2.74 -1.56
N LEU A 389 0.47 2.00 -0.48
CA LEU A 389 0.72 0.57 -0.60
C LEU A 389 -0.54 -0.20 -0.95
N LEU A 390 -1.70 0.42 -0.78
CA LEU A 390 -2.99 -0.19 -1.08
C LEU A 390 -3.53 0.28 -2.44
N GLY A 391 -2.66 0.80 -3.31
CA GLY A 391 -3.03 1.12 -4.66
C GLY A 391 -3.69 2.46 -4.86
N VAL A 392 -3.65 3.35 -3.86
CA VAL A 392 -4.27 4.66 -3.90
C VAL A 392 -3.20 5.72 -4.17
N THR A 393 -3.55 6.74 -4.94
CA THR A 393 -2.59 7.79 -5.27
C THR A 393 -2.96 9.08 -4.53
N ARG A 394 -1.95 9.93 -4.33
CA ARG A 394 -2.21 11.22 -3.68
C ARG A 394 -3.30 11.99 -4.41
N GLY A 395 -3.17 12.14 -5.74
CA GLY A 395 -4.16 12.91 -6.49
C GLY A 395 -5.58 12.39 -6.32
N GLU A 396 -5.75 11.07 -6.23
CA GLU A 396 -7.08 10.49 -6.01
C GLU A 396 -7.62 10.86 -4.64
N ILE A 397 -6.77 10.82 -3.61
CA ILE A 397 -7.21 11.21 -2.28
C ILE A 397 -7.68 12.66 -2.29
N GLU A 398 -6.91 13.53 -2.94
CA GLU A 398 -7.28 14.96 -2.99
C GLU A 398 -8.54 15.18 -3.81
N ALA A 399 -8.71 14.47 -4.92
CA ALA A 399 -9.95 14.57 -5.66
C ALA A 399 -11.14 14.21 -4.75
N ALA A 400 -11.11 13.02 -4.18
CA ALA A 400 -12.18 12.58 -3.28
C ALA A 400 -12.42 13.60 -2.17
N ASP A 401 -11.36 14.06 -1.52
CA ASP A 401 -11.53 14.97 -0.39
C ASP A 401 -12.14 16.30 -0.85
N ALA A 402 -11.70 16.81 -2.00
CA ALA A 402 -12.23 18.07 -2.51
C ALA A 402 -13.71 17.97 -2.86
N ILE A 403 -14.14 16.83 -3.41
CA ILE A 403 -15.55 16.62 -3.68
C ILE A 403 -16.36 16.57 -2.39
N ASP A 404 -15.69 16.38 -1.25
CA ASP A 404 -16.34 16.26 0.04
C ASP A 404 -17.22 15.02 0.05
MG MG B . 2.88 -0.17 18.86
N1 PIM C . -0.44 -0.28 25.67
C2 PIM C . -1.00 0.92 25.85
N3 PIM C . -0.03 1.83 25.78
C4 PIM C . 1.11 1.24 25.55
C5 PIM C . 0.84 -0.10 25.51
C6 PIM C . 1.76 -1.08 25.27
C7 PIM C . 3.09 -0.79 25.13
C8 PIM C . 4.02 -1.79 24.86
C9 PIM C . 3.56 -3.09 24.73
C10 PIM C . 2.22 -3.35 24.85
C11 PIM C . 1.30 -2.36 25.13
N1 PIM D . -5.01 13.03 -27.52
C2 PIM D . -5.87 12.09 -27.94
N3 PIM D . -7.02 12.23 -27.26
C4 PIM D . -6.90 13.22 -26.42
C5 PIM D . -5.64 13.73 -26.58
C6 PIM D . -5.14 14.80 -25.87
C7 PIM D . -5.64 16.06 -26.11
C8 PIM D . -5.11 17.15 -25.42
C9 PIM D . -4.10 16.96 -24.50
C10 PIM D . -3.61 15.70 -24.26
C11 PIM D . -4.12 14.61 -24.94
CL CL E . -9.10 -0.74 30.39
C1 GOL F . -13.10 4.81 34.32
O1 GOL F . -14.07 4.45 35.26
C2 GOL F . -12.76 6.28 34.50
O2 GOL F . -13.95 7.02 34.32
C3 GOL F . -11.72 6.74 33.47
O3 GOL F . -11.10 7.89 33.97
H11 GOL F . -12.31 4.27 34.46
H12 GOL F . -13.44 4.65 33.42
HO1 GOL F . -14.11 3.60 35.32
H2 GOL F . -12.44 6.46 35.39
HO2 GOL F . -14.18 7.33 35.09
H31 GOL F . -12.15 6.94 32.63
H32 GOL F . -11.06 6.04 33.34
HO3 GOL F . -10.29 7.91 33.73
#